data_1VD3
#
_entry.id   1VD3
#
_cell.length_a   37.232
_cell.length_b   68.984
_cell.length_c   73.863
_cell.angle_alpha   90.00
_cell.angle_beta   90.00
_cell.angle_gamma   90.00
#
_symmetry.space_group_name_H-M   'P 21 21 21'
#
loop_
_entity.id
_entity.type
_entity.pdbx_description
1 polymer 'RNase NGR3'
2 non-polymer 'PHOSPHORIC ACID MONO-[2-(2,4-DIOXO-3,4-DIHYDRO-2H-PYRIMIDIN-1-YL)-4-HYDROXY-5-HYDROXYMETHYL-TETRAHYDRO-FURAN-3-YL] ESTER'
3 water water
#
_entity_poly.entity_id   1
_entity_poly.type   'polypeptide(L)'
_entity_poly.pdbx_seq_one_letter_code
;YVEFAQDFDFFYFVQQWPASYCDTRRSCCYPTTGKPDEDFSIHGLWPNYENGKWPQNCDRESSLDESEISDLISTMEKNW
PSLACPSSDGVRFWSHEWLKHGTCSALGERAYFQAALDFRKKSNLLENLKNAEITPRNGEHYTLESIKKAIEEGVGHSPY
IECNVDTQGNHQIYQVYLCVDKTATDFIDCPIFPHGRGCGSKIEFPPFSSESDHDEF
;
_entity_poly.pdbx_strand_id   A
#
loop_
_chem_comp.id
_chem_comp.type
_chem_comp.name
_chem_comp.formula
U2P RNA linking 'PHOSPHORIC ACID MONO-[2-(2,4-DIOXO-3,4-DIHYDRO-2H-PYRIMIDIN-1-YL)-4-HYDROXY-5-HYDROXYMETHYL-TETRAHYDRO-FURAN-3-YL] ESTER' 'C9 H13 N2 O9 P'
#
# COMPACT_ATOMS: atom_id res chain seq x y z
N ALA A 5 -6.49 19.41 -14.44
CA ALA A 5 -7.00 18.20 -13.73
C ALA A 5 -8.42 17.88 -14.15
N GLN A 6 -8.69 16.58 -14.34
CA GLN A 6 -10.02 16.13 -14.75
C GLN A 6 -10.89 15.75 -13.55
N ASP A 7 -10.27 15.71 -12.37
CA ASP A 7 -10.96 15.39 -11.14
C ASP A 7 -11.35 13.91 -11.04
N PHE A 8 -11.51 13.44 -9.81
CA PHE A 8 -11.88 12.06 -9.52
C PHE A 8 -12.70 12.05 -8.24
N ASP A 9 -13.10 10.87 -7.77
CA ASP A 9 -13.93 10.79 -6.58
C ASP A 9 -13.22 10.57 -5.24
N PHE A 10 -12.18 9.76 -5.24
CA PHE A 10 -11.44 9.46 -4.02
C PHE A 10 -10.14 8.76 -4.35
N PHE A 11 -9.34 8.50 -3.32
CA PHE A 11 -8.07 7.79 -3.48
C PHE A 11 -8.13 6.45 -2.80
N TYR A 12 -7.51 5.45 -3.41
CA TYR A 12 -7.36 4.17 -2.76
C TYR A 12 -5.92 4.33 -2.26
N PHE A 13 -5.70 4.18 -0.95
CA PHE A 13 -4.35 4.26 -0.43
C PHE A 13 -4.02 2.78 -0.18
N VAL A 14 -3.08 2.27 -0.96
CA VAL A 14 -2.71 0.87 -0.91
C VAL A 14 -1.35 0.59 -0.27
N GLN A 15 -1.38 -0.22 0.78
CA GLN A 15 -0.17 -0.61 1.49
C GLN A 15 -0.04 -2.11 1.33
N GLN A 16 1.16 -2.62 1.48
CA GLN A 16 1.32 -4.06 1.40
C GLN A 16 2.24 -4.59 2.46
N TRP A 17 2.14 -5.89 2.71
CA TRP A 17 2.97 -6.56 3.69
C TRP A 17 4.08 -7.19 2.87
N PRO A 18 5.30 -6.61 2.93
CA PRO A 18 6.45 -7.10 2.19
C PRO A 18 6.66 -8.60 2.24
N ALA A 19 6.56 -9.17 3.44
CA ALA A 19 6.77 -10.61 3.61
C ALA A 19 5.91 -11.46 2.68
N SER A 20 4.67 -11.05 2.46
CA SER A 20 3.75 -11.80 1.60
C SER A 20 4.03 -11.65 0.11
N TYR A 21 4.90 -10.72 -0.23
CA TYR A 21 5.27 -10.52 -1.63
C TYR A 21 6.52 -11.35 -1.88
N CYS A 22 7.25 -11.65 -0.82
CA CYS A 22 8.50 -12.40 -0.93
C CYS A 22 8.47 -13.89 -0.62
N ASP A 23 7.37 -14.38 -0.06
CA ASP A 23 7.28 -15.79 0.28
C ASP A 23 6.38 -16.54 -0.69
N THR A 24 6.25 -16.02 -1.91
CA THR A 24 5.41 -16.67 -2.92
C THR A 24 6.28 -17.40 -3.95
N ARG A 25 5.64 -17.83 -5.03
CA ARG A 25 6.32 -18.54 -6.08
C ARG A 25 7.04 -17.56 -7.01
N ARG A 26 6.62 -16.31 -6.98
CA ARG A 26 7.23 -15.27 -7.82
C ARG A 26 8.56 -14.79 -7.24
N SER A 27 9.28 -14.00 -8.02
CA SER A 27 10.58 -13.48 -7.60
C SER A 27 10.50 -12.12 -6.92
N CYS A 28 11.15 -12.00 -5.76
CA CYS A 28 11.19 -10.76 -5.00
C CYS A 28 12.66 -10.48 -4.71
N CYS A 29 13.08 -9.24 -4.95
CA CYS A 29 14.45 -8.84 -4.72
C CYS A 29 14.49 -7.66 -3.74
N TYR A 30 15.30 -7.78 -2.69
CA TYR A 30 15.40 -6.70 -1.71
C TYR A 30 15.97 -5.45 -2.37
N PRO A 31 15.57 -4.26 -1.89
CA PRO A 31 16.03 -2.97 -2.41
C PRO A 31 17.55 -2.83 -2.32
N THR A 32 18.09 -1.81 -2.99
CA THR A 32 19.54 -1.56 -2.97
C THR A 32 19.97 -1.24 -1.54
N THR A 33 19.01 -0.82 -0.72
CA THR A 33 19.28 -0.47 0.67
C THR A 33 19.20 -1.67 1.60
N GLY A 34 18.92 -2.84 1.03
CA GLY A 34 18.83 -4.05 1.84
C GLY A 34 17.43 -4.49 2.20
N LYS A 35 17.34 -5.59 2.94
CA LYS A 35 16.06 -6.15 3.36
C LYS A 35 15.20 -5.09 4.03
N PRO A 36 13.96 -4.90 3.55
CA PRO A 36 13.05 -3.91 4.13
C PRO A 36 12.63 -4.22 5.56
N ASP A 37 12.15 -3.20 6.26
CA ASP A 37 11.69 -3.35 7.63
C ASP A 37 10.48 -4.27 7.65
N GLU A 38 10.25 -4.93 8.78
CA GLU A 38 9.10 -5.80 8.93
C GLU A 38 7.97 -4.86 9.34
N ASP A 39 7.40 -4.17 8.35
CA ASP A 39 6.33 -3.23 8.58
C ASP A 39 5.61 -3.07 7.26
N PHE A 40 4.39 -2.55 7.29
CA PHE A 40 3.64 -2.35 6.06
C PHE A 40 4.30 -1.24 5.27
N SER A 41 4.42 -1.44 3.97
CA SER A 41 5.02 -0.46 3.08
C SER A 41 3.97 0.09 2.13
N ILE A 42 4.30 1.18 1.47
CA ILE A 42 3.36 1.81 0.54
C ILE A 42 3.45 1.16 -0.84
N HIS A 43 2.31 0.86 -1.45
CA HIS A 43 2.31 0.35 -2.82
C HIS A 43 2.02 1.59 -3.65
N GLY A 44 0.94 2.29 -3.29
CA GLY A 44 0.60 3.51 -4.02
C GLY A 44 -0.62 4.26 -3.53
N LEU A 45 -0.80 5.47 -4.03
CA LEU A 45 -1.94 6.33 -3.69
C LEU A 45 -2.62 6.51 -5.05
N TRP A 46 -3.79 5.90 -5.22
CA TRP A 46 -4.49 5.93 -6.51
C TRP A 46 -5.80 6.69 -6.66
N PRO A 47 -5.83 7.67 -7.56
CA PRO A 47 -7.05 8.45 -7.80
C PRO A 47 -8.03 7.43 -8.41
N ASN A 48 -9.27 7.42 -7.95
CA ASN A 48 -10.27 6.46 -8.45
C ASN A 48 -11.64 7.10 -8.65
N TYR A 49 -12.50 6.40 -9.40
CA TYR A 49 -13.88 6.85 -9.64
C TYR A 49 -14.80 5.92 -8.84
N GLU A 50 -15.97 6.42 -8.48
CA GLU A 50 -16.91 5.60 -7.74
C GLU A 50 -17.56 4.53 -8.62
N ASN A 51 -17.33 4.63 -9.93
CA ASN A 51 -17.90 3.63 -10.84
C ASN A 51 -16.97 2.42 -11.03
N GLY A 52 -15.93 2.34 -10.22
CA GLY A 52 -15.01 1.21 -10.32
C GLY A 52 -13.85 1.40 -11.28
N LYS A 53 -13.94 2.43 -12.12
CA LYS A 53 -12.88 2.72 -13.07
C LYS A 53 -12.00 3.79 -12.48
N TRP A 54 -10.98 4.22 -13.22
CA TRP A 54 -10.08 5.24 -12.70
C TRP A 54 -9.26 5.88 -13.80
N PRO A 55 -8.77 7.09 -13.56
CA PRO A 55 -7.95 7.79 -14.55
C PRO A 55 -6.51 7.30 -14.32
N GLN A 56 -5.72 7.28 -15.38
CA GLN A 56 -4.32 6.86 -15.25
C GLN A 56 -3.51 7.47 -16.38
N ASN A 57 -2.23 7.72 -16.11
CA ASN A 57 -1.33 8.31 -17.10
C ASN A 57 -1.95 9.59 -17.64
N CYS A 58 -2.29 10.50 -16.74
CA CYS A 58 -2.91 11.76 -17.10
C CYS A 58 -1.99 12.82 -17.72
N ASP A 59 -0.69 12.65 -17.56
CA ASP A 59 0.28 13.59 -18.12
C ASP A 59 1.53 12.80 -18.49
N ARG A 60 1.49 12.15 -19.65
CA ARG A 60 2.61 11.35 -20.12
C ARG A 60 3.84 12.19 -20.47
N GLU A 61 3.80 13.47 -20.10
CA GLU A 61 4.90 14.39 -20.37
C GLU A 61 5.53 14.86 -19.06
N SER A 62 4.99 14.39 -17.94
CA SER A 62 5.48 14.78 -16.63
C SER A 62 6.28 13.68 -15.92
N SER A 63 7.56 13.57 -16.26
CA SER A 63 8.43 12.58 -15.65
C SER A 63 8.71 12.91 -14.19
N LEU A 64 9.14 11.91 -13.44
CA LEU A 64 9.45 12.11 -12.02
C LEU A 64 10.74 12.89 -11.85
N ASP A 65 10.67 13.99 -11.11
CA ASP A 65 11.85 14.81 -10.84
C ASP A 65 12.28 14.56 -9.41
N GLU A 66 13.29 13.71 -9.25
CA GLU A 66 13.82 13.33 -7.95
C GLU A 66 14.28 14.50 -7.09
N SER A 67 14.76 15.56 -7.73
CA SER A 67 15.24 16.71 -6.99
C SER A 67 14.15 17.27 -6.07
N GLU A 68 12.90 17.18 -6.51
CA GLU A 68 11.79 17.69 -5.71
C GLU A 68 11.48 16.90 -4.45
N ILE A 69 11.94 15.66 -4.39
CA ILE A 69 11.71 14.81 -3.22
C ILE A 69 13.01 14.26 -2.67
N SER A 70 14.12 14.90 -3.05
CA SER A 70 15.46 14.51 -2.62
C SER A 70 15.59 14.11 -1.15
N ASP A 71 15.08 14.97 -0.27
CA ASP A 71 15.16 14.73 1.17
C ASP A 71 14.20 13.66 1.70
N LEU A 72 13.30 13.18 0.84
CA LEU A 72 12.34 12.16 1.24
C LEU A 72 12.78 10.77 0.76
N ILE A 73 13.75 10.73 -0.14
CA ILE A 73 14.23 9.48 -0.71
C ILE A 73 14.67 8.43 0.30
N SER A 74 15.47 8.82 1.29
CA SER A 74 15.94 7.85 2.28
C SER A 74 14.77 7.20 3.03
N THR A 75 13.71 7.99 3.27
CA THR A 75 12.54 7.47 3.97
C THR A 75 11.75 6.57 3.04
N MET A 76 11.62 7.02 1.79
CA MET A 76 10.88 6.26 0.78
C MET A 76 11.55 4.92 0.49
N GLU A 77 12.88 4.89 0.55
CA GLU A 77 13.58 3.62 0.30
C GLU A 77 13.17 2.61 1.35
N LYS A 78 12.75 3.10 2.52
CA LYS A 78 12.34 2.21 3.60
C LYS A 78 10.84 2.02 3.75
N ASN A 79 10.05 3.01 3.36
CA ASN A 79 8.59 2.91 3.50
C ASN A 79 7.85 2.69 2.19
N TRP A 80 8.57 2.78 1.08
CA TRP A 80 7.98 2.59 -0.25
C TRP A 80 8.99 1.88 -1.16
N PRO A 81 9.54 0.76 -0.69
CA PRO A 81 10.53 0.02 -1.47
C PRO A 81 9.95 -0.75 -2.66
N SER A 82 10.81 -1.07 -3.61
CA SER A 82 10.41 -1.87 -4.76
C SER A 82 10.95 -3.26 -4.45
N LEU A 83 10.10 -4.26 -4.50
CA LEU A 83 10.53 -5.64 -4.22
C LEU A 83 10.69 -6.43 -5.50
N ALA A 84 10.55 -5.75 -6.64
CA ALA A 84 10.68 -6.42 -7.92
C ALA A 84 12.14 -6.69 -8.24
N CYS A 85 12.37 -7.64 -9.15
CA CYS A 85 13.71 -8.01 -9.55
C CYS A 85 14.04 -7.42 -10.93
N PRO A 86 15.31 -7.04 -11.14
CA PRO A 86 16.38 -7.15 -10.15
C PRO A 86 16.33 -6.04 -9.11
N SER A 87 17.11 -6.20 -8.04
CA SER A 87 17.17 -5.24 -6.95
C SER A 87 17.40 -3.82 -7.46
N SER A 88 16.62 -2.87 -6.96
CA SER A 88 16.73 -1.48 -7.38
C SER A 88 16.57 -0.52 -6.21
N ASP A 89 16.79 0.77 -6.47
CA ASP A 89 16.66 1.79 -5.43
C ASP A 89 15.22 2.24 -5.23
N GLY A 90 14.34 1.84 -6.15
CA GLY A 90 12.93 2.21 -6.03
C GLY A 90 12.48 3.35 -6.93
N VAL A 91 13.43 4.10 -7.48
CA VAL A 91 13.11 5.22 -8.36
C VAL A 91 12.22 4.85 -9.52
N ARG A 92 12.45 3.69 -10.12
CA ARG A 92 11.64 3.25 -11.25
C ARG A 92 10.19 3.07 -10.80
N PHE A 93 10.03 2.41 -9.66
CA PHE A 93 8.71 2.15 -9.10
C PHE A 93 8.00 3.47 -8.74
N TRP A 94 8.74 4.38 -8.13
CA TRP A 94 8.16 5.68 -7.76
C TRP A 94 7.81 6.47 -9.01
N SER A 95 8.65 6.35 -10.03
CA SER A 95 8.40 7.06 -11.27
C SER A 95 7.11 6.51 -11.88
N HIS A 96 7.00 5.19 -11.89
CA HIS A 96 5.83 4.50 -12.42
C HIS A 96 4.54 4.93 -11.72
N GLU A 97 4.55 4.91 -10.40
CA GLU A 97 3.37 5.30 -9.64
C GLU A 97 3.03 6.77 -9.86
N TRP A 98 4.06 7.62 -9.94
CA TRP A 98 3.83 9.04 -10.18
C TRP A 98 3.18 9.27 -11.55
N LEU A 99 3.77 8.69 -12.58
CA LEU A 99 3.23 8.87 -13.93
C LEU A 99 1.84 8.30 -14.12
N LYS A 100 1.63 7.07 -13.63
CA LYS A 100 0.36 6.40 -13.78
C LYS A 100 -0.76 6.91 -12.88
N HIS A 101 -0.42 7.23 -11.64
CA HIS A 101 -1.41 7.69 -10.68
C HIS A 101 -1.20 9.11 -10.20
N GLY A 102 0.04 9.46 -9.87
CA GLY A 102 0.34 10.79 -9.38
C GLY A 102 -0.11 11.90 -10.31
N THR A 103 0.10 11.75 -11.61
CA THR A 103 -0.30 12.79 -12.56
C THR A 103 -1.81 13.00 -12.63
N CYS A 104 -2.57 12.07 -12.06
CA CYS A 104 -4.03 12.18 -12.08
C CYS A 104 -4.59 12.64 -10.74
N SER A 105 -3.72 12.86 -9.76
CA SER A 105 -4.14 13.22 -8.41
C SER A 105 -4.40 14.69 -8.12
N ALA A 106 -4.02 15.57 -9.05
CA ALA A 106 -4.19 17.01 -8.85
C ALA A 106 -3.19 17.52 -7.82
N LEU A 107 -2.33 16.63 -7.33
CA LEU A 107 -1.31 16.99 -6.34
C LEU A 107 0.03 17.25 -7.01
N GLY A 108 0.81 18.15 -6.42
CA GLY A 108 2.13 18.44 -6.94
C GLY A 108 2.94 17.20 -6.62
N GLU A 109 4.09 17.03 -7.27
CA GLU A 109 4.90 15.84 -7.03
C GLU A 109 5.28 15.63 -5.57
N ARG A 110 5.80 16.65 -4.90
CA ARG A 110 6.19 16.48 -3.51
C ARG A 110 4.99 16.22 -2.61
N ALA A 111 3.87 16.88 -2.89
CA ALA A 111 2.66 16.73 -2.10
C ALA A 111 2.13 15.31 -2.21
N TYR A 112 2.25 14.74 -3.41
CA TYR A 112 1.80 13.38 -3.66
C TYR A 112 2.57 12.38 -2.81
N PHE A 113 3.90 12.46 -2.86
CA PHE A 113 4.68 11.53 -2.08
C PHE A 113 4.59 11.77 -0.58
N GLN A 114 4.50 13.03 -0.17
CA GLN A 114 4.39 13.35 1.25
C GLN A 114 3.06 12.81 1.78
N ALA A 115 2.01 12.94 0.98
CA ALA A 115 0.69 12.45 1.36
C ALA A 115 0.77 10.95 1.63
N ALA A 116 1.37 10.20 0.72
CA ALA A 116 1.50 8.76 0.87
C ALA A 116 2.23 8.43 2.18
N LEU A 117 3.35 9.12 2.40
CA LEU A 117 4.13 8.91 3.61
C LEU A 117 3.31 9.25 4.85
N ASP A 118 2.59 10.37 4.80
CA ASP A 118 1.77 10.78 5.94
C ASP A 118 0.64 9.79 6.24
N PHE A 119 -0.05 9.33 5.22
CA PHE A 119 -1.13 8.38 5.46
C PHE A 119 -0.65 7.02 5.91
N ARG A 120 0.56 6.63 5.53
CA ARG A 120 1.08 5.34 5.97
C ARG A 120 1.28 5.46 7.48
N LYS A 121 1.84 6.59 7.91
CA LYS A 121 2.09 6.81 9.33
C LYS A 121 0.78 6.92 10.11
N LYS A 122 -0.17 7.67 9.57
CA LYS A 122 -1.46 7.84 10.23
C LYS A 122 -2.21 6.53 10.38
N SER A 123 -2.21 5.70 9.33
CA SER A 123 -2.92 4.43 9.38
C SER A 123 -2.30 3.51 10.42
N ASN A 124 -1.00 3.66 10.67
CA ASN A 124 -0.30 2.89 11.70
C ASN A 124 -0.79 1.45 11.80
N LEU A 125 -0.80 0.75 10.67
CA LEU A 125 -1.30 -0.63 10.62
C LEU A 125 -0.63 -1.64 11.55
N LEU A 126 0.69 -1.70 11.51
CA LEU A 126 1.44 -2.65 12.35
C LEU A 126 1.09 -2.52 13.82
N GLU A 127 1.11 -1.30 14.33
CA GLU A 127 0.81 -1.03 15.72
C GLU A 127 -0.66 -1.23 16.07
N ASN A 128 -1.55 -0.92 15.13
CA ASN A 128 -2.97 -1.12 15.40
C ASN A 128 -3.25 -2.61 15.57
N LEU A 129 -2.52 -3.43 14.82
CA LEU A 129 -2.69 -4.88 14.90
C LEU A 129 -2.11 -5.38 16.22
N LYS A 130 -0.95 -4.87 16.61
CA LYS A 130 -0.34 -5.28 17.86
C LYS A 130 -1.29 -5.02 19.01
N ASN A 131 -1.91 -3.85 19.00
CA ASN A 131 -2.87 -3.48 20.04
C ASN A 131 -3.94 -4.55 20.20
N ALA A 132 -4.22 -5.27 19.11
CA ALA A 132 -5.24 -6.31 19.13
C ALA A 132 -4.60 -7.70 19.23
N GLU A 133 -3.33 -7.73 19.60
CA GLU A 133 -2.57 -8.96 19.76
C GLU A 133 -2.32 -9.73 18.46
N ILE A 134 -2.36 -9.03 17.34
CA ILE A 134 -2.13 -9.66 16.06
C ILE A 134 -0.71 -9.34 15.63
N THR A 135 0.16 -10.34 15.72
CA THR A 135 1.56 -10.18 15.37
C THR A 135 2.00 -11.24 14.36
N PRO A 136 3.05 -10.93 13.58
CA PRO A 136 3.56 -11.85 12.57
C PRO A 136 3.97 -13.22 13.09
N ARG A 137 3.56 -14.26 12.37
CA ARG A 137 3.87 -15.64 12.70
C ARG A 137 3.39 -16.51 11.55
N ASN A 138 3.98 -17.69 11.39
CA ASN A 138 3.61 -18.60 10.30
C ASN A 138 2.28 -19.32 10.54
N GLY A 139 1.60 -19.67 9.45
CA GLY A 139 0.33 -20.37 9.55
C GLY A 139 -0.88 -19.45 9.57
N GLU A 140 -2.02 -19.95 9.09
CA GLU A 140 -3.25 -19.18 9.06
C GLU A 140 -3.81 -19.16 10.48
N HIS A 141 -3.18 -18.33 11.32
CA HIS A 141 -3.51 -18.21 12.73
C HIS A 141 -4.56 -17.16 13.09
N TYR A 142 -4.77 -16.19 12.21
CA TYR A 142 -5.72 -15.12 12.50
C TYR A 142 -6.98 -15.07 11.68
N THR A 143 -8.09 -14.76 12.34
CA THR A 143 -9.36 -14.63 11.64
C THR A 143 -9.26 -13.34 10.85
N LEU A 144 -9.89 -13.30 9.68
CA LEU A 144 -9.87 -12.10 8.87
C LEU A 144 -10.60 -10.98 9.60
N GLU A 145 -11.65 -11.35 10.33
CA GLU A 145 -12.44 -10.37 11.08
C GLU A 145 -11.63 -9.60 12.11
N SER A 146 -10.82 -10.31 12.88
CA SER A 146 -10.01 -9.68 13.91
C SER A 146 -9.07 -8.64 13.29
N ILE A 147 -8.49 -8.97 12.15
CA ILE A 147 -7.57 -8.07 11.46
C ILE A 147 -8.30 -6.81 10.95
N LYS A 148 -9.43 -7.01 10.30
CA LYS A 148 -10.19 -5.87 9.78
C LYS A 148 -10.66 -4.95 10.90
N LYS A 149 -11.18 -5.52 11.97
CA LYS A 149 -11.68 -4.71 13.09
C LYS A 149 -10.55 -3.97 13.79
N ALA A 150 -9.41 -4.61 13.93
CA ALA A 150 -8.27 -3.99 14.58
C ALA A 150 -7.81 -2.74 13.81
N ILE A 151 -7.78 -2.85 12.50
CA ILE A 151 -7.37 -1.72 11.66
C ILE A 151 -8.47 -0.66 11.72
N GLU A 152 -9.71 -1.11 11.64
CA GLU A 152 -10.86 -0.21 11.68
C GLU A 152 -10.88 0.63 12.94
N GLU A 153 -10.59 0.03 14.09
CA GLU A 153 -10.59 0.79 15.33
C GLU A 153 -9.50 1.85 15.34
N GLY A 154 -8.32 1.50 14.81
CA GLY A 154 -7.21 2.43 14.79
C GLY A 154 -7.29 3.51 13.72
N VAL A 155 -7.99 3.24 12.62
CA VAL A 155 -8.12 4.20 11.55
C VAL A 155 -9.46 4.92 11.54
N GLY A 156 -10.49 4.27 12.09
CA GLY A 156 -11.81 4.86 12.13
C GLY A 156 -12.61 4.55 10.89
N HIS A 157 -12.05 3.71 10.02
CA HIS A 157 -12.72 3.32 8.78
C HIS A 157 -12.33 1.89 8.47
N SER A 158 -13.22 1.14 7.84
CA SER A 158 -12.93 -0.25 7.52
C SER A 158 -12.05 -0.40 6.29
N PRO A 159 -10.99 -1.22 6.40
CA PRO A 159 -10.08 -1.46 5.29
C PRO A 159 -10.59 -2.60 4.43
N TYR A 160 -10.01 -2.76 3.25
CA TYR A 160 -10.34 -3.86 2.36
C TYR A 160 -9.04 -4.65 2.34
N ILE A 161 -9.14 -5.96 2.58
CA ILE A 161 -7.94 -6.80 2.62
C ILE A 161 -7.80 -7.66 1.38
N GLU A 162 -6.63 -7.59 0.76
CA GLU A 162 -6.34 -8.41 -0.40
C GLU A 162 -5.38 -9.48 0.07
N CYS A 163 -5.68 -10.73 -0.27
CA CYS A 163 -4.84 -11.85 0.15
C CYS A 163 -4.26 -12.57 -1.05
N ASN A 164 -3.09 -13.17 -0.87
CA ASN A 164 -2.49 -13.98 -1.91
C ASN A 164 -2.07 -15.28 -1.22
N VAL A 165 -1.34 -16.14 -1.91
CA VAL A 165 -0.95 -17.42 -1.31
C VAL A 165 0.55 -17.68 -1.34
N ASP A 166 1.09 -18.18 -0.23
CA ASP A 166 2.51 -18.47 -0.15
C ASP A 166 2.81 -19.87 -0.69
N THR A 167 4.09 -20.15 -0.92
CA THR A 167 4.51 -21.45 -1.45
C THR A 167 3.93 -22.64 -0.69
N GLN A 168 3.63 -22.45 0.59
CA GLN A 168 3.09 -23.51 1.43
C GLN A 168 1.58 -23.69 1.23
N GLY A 169 0.97 -22.79 0.48
CA GLY A 169 -0.45 -22.87 0.22
C GLY A 169 -1.29 -22.11 1.24
N ASN A 170 -0.62 -21.34 2.10
CA ASN A 170 -1.33 -20.55 3.11
C ASN A 170 -1.84 -19.26 2.50
N HIS A 171 -3.05 -18.87 2.88
CA HIS A 171 -3.64 -17.63 2.41
C HIS A 171 -3.12 -16.58 3.39
N GLN A 172 -2.52 -15.52 2.87
CA GLN A 172 -1.92 -14.51 3.73
C GLN A 172 -2.36 -13.09 3.40
N ILE A 173 -2.32 -12.22 4.40
CA ILE A 173 -2.67 -10.83 4.18
C ILE A 173 -1.59 -10.29 3.24
N TYR A 174 -2.01 -9.74 2.10
CA TYR A 174 -1.06 -9.23 1.12
C TYR A 174 -1.08 -7.71 1.03
N GLN A 175 -2.26 -7.14 0.78
CA GLN A 175 -2.38 -5.69 0.71
C GLN A 175 -3.57 -5.17 1.48
N VAL A 176 -3.47 -3.93 1.96
CA VAL A 176 -4.54 -3.31 2.72
C VAL A 176 -4.95 -2.03 2.03
N TYR A 177 -6.23 -1.92 1.70
CA TYR A 177 -6.77 -0.75 1.03
C TYR A 177 -7.58 0.12 1.98
N LEU A 178 -7.30 1.41 1.97
CA LEU A 178 -8.06 2.38 2.77
C LEU A 178 -8.36 3.51 1.80
N CYS A 179 -9.42 4.27 2.05
CA CYS A 179 -9.77 5.36 1.16
C CYS A 179 -9.47 6.71 1.76
N VAL A 180 -9.04 7.64 0.91
CA VAL A 180 -8.70 9.00 1.32
C VAL A 180 -9.53 9.94 0.43
N ASP A 181 -9.99 11.05 0.99
CA ASP A 181 -10.79 11.98 0.18
C ASP A 181 -9.97 12.60 -0.94
N LYS A 182 -10.66 13.10 -1.97
CA LYS A 182 -9.99 13.68 -3.12
C LYS A 182 -9.02 14.83 -2.86
N THR A 183 -9.16 15.52 -1.73
CA THR A 183 -8.26 16.62 -1.43
C THR A 183 -7.06 16.09 -0.64
N ALA A 184 -7.02 14.79 -0.44
CA ALA A 184 -5.93 14.14 0.30
C ALA A 184 -5.83 14.72 1.71
N THR A 185 -6.97 15.04 2.31
CA THR A 185 -6.97 15.60 3.65
C THR A 185 -7.06 14.54 4.74
N ASP A 186 -7.94 13.56 4.55
CA ASP A 186 -8.09 12.52 5.56
C ASP A 186 -8.71 11.23 5.03
N PHE A 187 -8.71 10.21 5.86
CA PHE A 187 -9.30 8.92 5.49
C PHE A 187 -10.81 9.11 5.48
N ILE A 188 -11.47 8.37 4.60
CA ILE A 188 -12.93 8.43 4.49
C ILE A 188 -13.43 7.01 4.33
N ASP A 189 -14.74 6.81 4.42
CA ASP A 189 -15.27 5.47 4.22
C ASP A 189 -15.20 5.23 2.71
N CYS A 190 -14.73 4.06 2.31
CA CYS A 190 -14.63 3.77 0.89
C CYS A 190 -16.03 3.74 0.26
N PRO A 191 -16.21 4.44 -0.87
CA PRO A 191 -17.52 4.46 -1.53
C PRO A 191 -17.78 3.07 -2.13
N ILE A 192 -16.70 2.43 -2.55
CA ILE A 192 -16.72 1.10 -3.13
C ILE A 192 -15.40 0.40 -2.79
N PHE A 193 -15.38 -0.92 -2.88
CA PHE A 193 -14.18 -1.71 -2.61
C PHE A 193 -13.86 -2.55 -3.85
N PRO A 194 -12.62 -3.05 -3.96
CA PRO A 194 -12.29 -3.88 -5.12
C PRO A 194 -13.10 -5.18 -4.99
N HIS A 195 -13.12 -6.00 -6.04
CA HIS A 195 -13.90 -7.23 -6.02
C HIS A 195 -13.14 -8.54 -5.94
N GLY A 196 -12.04 -8.58 -5.20
CA GLY A 196 -11.29 -9.81 -5.07
C GLY A 196 -11.95 -10.68 -4.01
N ARG A 197 -11.53 -11.94 -3.91
CA ARG A 197 -12.10 -12.83 -2.91
C ARG A 197 -11.12 -13.93 -2.51
N GLY A 198 -9.86 -13.55 -2.39
CA GLY A 198 -8.84 -14.52 -2.01
C GLY A 198 -8.62 -14.68 -0.52
N CYS A 199 -9.37 -13.93 0.29
CA CYS A 199 -9.20 -14.02 1.74
C CYS A 199 -10.17 -14.94 2.45
N GLY A 200 -9.63 -16.01 3.03
CA GLY A 200 -10.46 -16.95 3.77
C GLY A 200 -10.76 -16.37 5.13
N SER A 201 -11.52 -17.11 5.93
CA SER A 201 -11.89 -16.66 7.27
C SER A 201 -10.68 -16.63 8.19
N LYS A 202 -9.70 -17.48 7.89
CA LYS A 202 -8.46 -17.58 8.65
C LYS A 202 -7.30 -17.32 7.70
N ILE A 203 -6.42 -16.38 8.07
CA ILE A 203 -5.29 -16.08 7.20
C ILE A 203 -3.96 -15.94 7.96
N GLU A 204 -2.89 -15.97 7.20
CA GLU A 204 -1.54 -15.87 7.74
C GLU A 204 -1.01 -14.44 7.67
N PHE A 205 -0.28 -14.06 8.70
CA PHE A 205 0.36 -12.75 8.81
C PHE A 205 1.83 -13.14 8.99
N PRO A 206 2.47 -13.57 7.88
CA PRO A 206 3.87 -14.02 7.82
C PRO A 206 4.96 -13.07 8.33
N PRO A 207 5.87 -13.59 9.16
CA PRO A 207 6.97 -12.80 9.72
C PRO A 207 8.06 -12.63 8.66
N PHE A 208 9.03 -11.76 8.93
CA PHE A 208 10.13 -11.52 8.00
C PHE A 208 11.35 -12.34 8.37
O5' U2P B . -3.19 -6.18 -9.32
C5' U2P B . -3.77 -5.13 -10.14
C4' U2P B . -2.72 -4.06 -10.44
O4' U2P B . -3.35 -2.97 -11.28
C1' U2P B . -3.34 -1.58 -10.66
N1 U2P B . -4.70 -0.96 -10.33
C6 U2P B . -5.61 -1.86 -9.84
C5 U2P B . -6.84 -1.45 -9.25
C4 U2P B . -7.14 0.00 -9.22
O4 U2P B . -8.12 0.45 -8.64
N3 U2P B . -6.21 0.85 -9.90
C2 U2P B . -5.00 0.43 -10.50
O2 U2P B . -4.29 1.24 -11.08
C2' U2P B . -2.23 -1.77 -9.60
O2' U2P B . -0.90 -1.60 -10.17
P U2P B . -0.16 -0.23 -10.48
O1P U2P B . 1.07 0.03 -11.18
O2P U2P B . -1.18 0.83 -10.68
O3P U2P B . 0.36 0.08 -9.17
C3' U2P B . -2.35 -3.24 -9.18
O3' U2P B . -1.03 -3.68 -8.67
#